data_7ZA4
#
_entry.id   7ZA4
#
_cell.length_a   46.478
_cell.length_b   99.003
_cell.length_c   153.212
_cell.angle_alpha   90.000
_cell.angle_beta   93.730
_cell.angle_gamma   90.000
#
_symmetry.space_group_name_H-M   'I 1 2 1'
#
loop_
_entity.id
_entity.type
_entity.pdbx_description
1 polymer 'Glutathione transferase'
2 non-polymer 'SODIUM ION'
3 water water
#
_entity_poly.entity_id   1
_entity_poly.type   'polypeptide(L)'
_entity_poly.pdbx_seq_one_letter_code
;MAPVKVFGPAMSTNVARVTLCLEEVGAEYEVVDIDFKAMEHKSPEHLVRNPFGQIPAFQDGDLLLFESRAIAKYVLRKYK
TDEVDLLREGNLKEAAMVDVWTEVDAHTYNPALSPIVYECLINPLMRGLPTNQTVVDESLEKLKKVLEVYEARLSQHKYL
AGDFVSFADLNHFPYTFYFMATPHAALFDSYPHVKAWWDRLMARPAVKKIAATMVPPKAHHHHHH
;
_entity_poly.pdbx_strand_id   A,B,C
#
loop_
_chem_comp.id
_chem_comp.type
_chem_comp.name
_chem_comp.formula
NA non-polymer 'SODIUM ION' 'Na 1'
#
# COMPACT_ATOMS: atom_id res chain seq x y z
N MET A 1 6.20 -2.15 -38.71
CA MET A 1 5.68 -1.92 -37.38
C MET A 1 4.57 -2.90 -37.05
N ALA A 2 4.93 -4.16 -36.74
CA ALA A 2 3.95 -5.14 -36.29
C ALA A 2 3.30 -4.63 -35.02
N PRO A 3 2.03 -4.22 -35.08
CA PRO A 3 1.45 -3.43 -33.97
C PRO A 3 1.66 -4.09 -32.61
N VAL A 4 2.17 -3.29 -31.66
CA VAL A 4 2.32 -3.77 -30.30
C VAL A 4 0.96 -3.85 -29.62
N LYS A 5 0.89 -4.67 -28.57
CA LYS A 5 -0.37 -4.94 -27.89
C LYS A 5 -0.28 -4.50 -26.44
N VAL A 6 -1.34 -3.85 -25.97
CA VAL A 6 -1.53 -3.49 -24.57
C VAL A 6 -2.68 -4.35 -24.03
N PHE A 7 -2.45 -5.04 -22.92
CA PHE A 7 -3.49 -5.86 -22.31
C PHE A 7 -3.92 -5.24 -20.99
N GLY A 8 -5.19 -4.90 -20.88
CA GLY A 8 -5.78 -4.40 -19.66
C GLY A 8 -7.03 -3.63 -20.01
N PRO A 9 -7.80 -3.21 -19.00
CA PRO A 9 -8.96 -2.33 -19.28
C PRO A 9 -8.53 -0.90 -19.58
N ALA A 10 -9.04 -0.33 -20.69
CA ALA A 10 -8.65 1.02 -21.12
C ALA A 10 -9.08 2.10 -20.15
N MET A 11 -10.11 1.83 -19.34
CA MET A 11 -10.51 2.75 -18.28
C MET A 11 -9.40 2.90 -17.23
N SER A 12 -8.66 1.83 -16.94
CA SER A 12 -7.57 1.83 -15.96
C SER A 12 -6.55 2.94 -16.18
N THR A 13 -6.10 3.54 -15.07
CA THR A 13 -5.10 4.62 -15.15
C THR A 13 -3.75 4.10 -15.66
N ASN A 14 -3.40 2.86 -15.28
CA ASN A 14 -2.11 2.32 -15.72
C ASN A 14 -2.13 1.98 -17.20
N VAL A 15 -3.27 1.54 -17.72
CA VAL A 15 -3.41 1.39 -19.17
C VAL A 15 -3.31 2.75 -19.85
N ALA A 16 -4.03 3.75 -19.30
CA ALA A 16 -4.03 5.07 -19.92
C ALA A 16 -2.63 5.70 -19.93
N ARG A 17 -1.84 5.50 -18.88
CA ARG A 17 -0.46 5.96 -18.93
C ARG A 17 0.24 5.45 -20.17
N VAL A 18 0.05 4.18 -20.49
CA VAL A 18 0.80 3.58 -21.58
C VAL A 18 0.24 4.01 -22.92
N THR A 19 -1.09 4.07 -23.06
CA THR A 19 -1.64 4.40 -24.36
C THR A 19 -1.46 5.88 -24.68
N LEU A 20 -1.49 6.76 -23.66
CA LEU A 20 -1.15 8.15 -23.93
C LEU A 20 0.26 8.26 -24.49
N CYS A 21 1.22 7.53 -23.89
CA CYS A 21 2.58 7.55 -24.43
C CYS A 21 2.61 7.03 -25.86
N LEU A 22 1.91 5.93 -26.14
CA LEU A 22 1.86 5.42 -27.51
C LEU A 22 1.27 6.47 -28.46
N GLU A 23 0.14 7.08 -28.09
CA GLU A 23 -0.46 8.11 -28.94
C GLU A 23 0.50 9.27 -29.19
N GLU A 24 1.23 9.72 -28.15
CA GLU A 24 2.10 10.88 -28.31
C GLU A 24 3.29 10.57 -29.21
N VAL A 25 3.81 9.33 -29.20
CA VAL A 25 4.90 9.01 -30.12
C VAL A 25 4.39 8.56 -31.48
N GLY A 26 3.06 8.47 -31.66
CA GLY A 26 2.47 8.12 -32.93
C GLY A 26 2.53 6.65 -33.28
N ALA A 27 2.66 5.76 -32.29
CA ALA A 27 2.90 4.34 -32.57
C ALA A 27 1.61 3.58 -32.84
N GLU A 28 1.72 2.56 -33.70
CA GLU A 28 0.62 1.64 -33.97
C GLU A 28 0.49 0.65 -32.82
N TYR A 29 -0.73 0.48 -32.33
CA TYR A 29 -0.97 -0.46 -31.24
C TYR A 29 -2.45 -0.83 -31.25
N GLU A 30 -2.76 -1.88 -30.51
CA GLU A 30 -4.15 -2.20 -30.22
C GLU A 30 -4.25 -2.58 -28.76
N VAL A 31 -5.43 -2.37 -28.20
CA VAL A 31 -5.68 -2.58 -26.79
C VAL A 31 -6.62 -3.77 -26.67
N VAL A 32 -6.17 -4.80 -25.97
CA VAL A 32 -6.94 -6.01 -25.73
C VAL A 32 -7.55 -5.89 -24.33
N ASP A 33 -8.86 -5.73 -24.27
CA ASP A 33 -9.56 -5.52 -23.00
C ASP A 33 -9.64 -6.83 -22.23
N ILE A 34 -8.99 -6.89 -21.07
CA ILE A 34 -9.07 -8.07 -20.21
C ILE A 34 -8.56 -7.69 -18.83
N ASP A 35 -9.21 -8.23 -17.79
CA ASP A 35 -8.92 -7.96 -16.38
C ASP A 35 -8.30 -9.22 -15.77
N PHE A 36 -6.97 -9.32 -15.85
CA PHE A 36 -6.27 -10.46 -15.24
C PHE A 36 -6.44 -10.50 -13.72
N LYS A 37 -6.54 -9.32 -13.08
CA LYS A 37 -6.70 -9.26 -11.63
C LYS A 37 -7.99 -9.94 -11.19
N ALA A 38 -9.10 -9.69 -11.88
CA ALA A 38 -10.36 -10.34 -11.58
C ALA A 38 -10.31 -11.85 -11.72
N MET A 39 -9.24 -12.41 -12.30
CA MET A 39 -9.09 -13.86 -12.45
C MET A 39 -8.23 -14.34 -11.29
N GLU A 40 -8.85 -14.98 -10.29
CA GLU A 40 -8.13 -15.39 -9.09
C GLU A 40 -7.08 -16.44 -9.40
N HIS A 41 -7.32 -17.27 -10.42
CA HIS A 41 -6.50 -18.43 -10.71
C HIS A 41 -5.82 -18.27 -12.05
N LYS A 42 -4.54 -18.61 -12.09
CA LYS A 42 -3.70 -18.29 -13.24
C LYS A 42 -2.86 -19.50 -13.65
N SER A 43 -2.23 -19.41 -14.82
CA SER A 43 -1.33 -20.43 -15.28
C SER A 43 0.04 -20.23 -14.63
N PRO A 44 0.87 -21.26 -14.65
CA PRO A 44 2.22 -21.11 -14.08
C PRO A 44 3.06 -20.14 -14.87
N GLU A 45 2.76 -19.96 -16.16
CA GLU A 45 3.51 -18.99 -16.96
C GLU A 45 3.25 -17.56 -16.46
N HIS A 46 1.98 -17.20 -16.24
CA HIS A 46 1.64 -15.86 -15.80
C HIS A 46 2.35 -15.51 -14.50
N LEU A 47 2.20 -16.38 -13.49
CA LEU A 47 2.73 -16.05 -12.17
C LEU A 47 4.25 -16.00 -12.17
N VAL A 48 4.91 -16.81 -12.99
CA VAL A 48 6.36 -16.66 -13.12
C VAL A 48 6.69 -15.36 -13.85
N ARG A 49 5.89 -15.00 -14.86
CA ARG A 49 6.24 -13.83 -15.67
C ARG A 49 5.78 -12.52 -15.03
N ASN A 50 4.64 -12.52 -14.37
CA ASN A 50 4.11 -11.32 -13.69
C ASN A 50 3.70 -11.64 -12.25
N PRO A 51 4.68 -12.03 -11.39
CA PRO A 51 4.31 -12.48 -10.04
C PRO A 51 3.67 -11.43 -9.19
N PHE A 52 4.00 -10.14 -9.41
CA PHE A 52 3.43 -9.02 -8.67
C PHE A 52 2.09 -8.56 -9.23
N GLY A 53 1.68 -9.09 -10.38
CA GLY A 53 0.45 -8.64 -11.02
C GLY A 53 0.49 -7.20 -11.48
N GLN A 54 1.63 -6.76 -12.02
CA GLN A 54 1.74 -5.40 -12.55
C GLN A 54 0.82 -5.23 -13.75
N ILE A 55 0.27 -4.03 -13.89
CA ILE A 55 -0.74 -3.69 -14.88
C ILE A 55 -0.19 -2.50 -15.66
N PRO A 56 -0.34 -2.47 -17.00
CA PRO A 56 -0.96 -3.45 -17.86
C PRO A 56 0.04 -4.52 -18.28
N ALA A 57 -0.32 -5.41 -19.20
CA ALA A 57 0.64 -6.25 -19.89
C ALA A 57 0.92 -5.65 -21.25
N PHE A 58 2.15 -5.77 -21.71
CA PHE A 58 2.57 -5.13 -22.94
C PHE A 58 3.33 -6.15 -23.76
N GLN A 59 2.96 -6.30 -25.03
CA GLN A 59 3.64 -7.23 -25.92
C GLN A 59 4.20 -6.51 -27.11
N ASP A 60 5.51 -6.67 -27.33
CA ASP A 60 6.21 -6.11 -28.48
C ASP A 60 6.97 -7.28 -29.11
N GLY A 61 6.39 -7.85 -30.16
CA GLY A 61 6.95 -9.06 -30.74
C GLY A 61 7.05 -10.14 -29.68
N ASP A 62 8.29 -10.59 -29.43
CA ASP A 62 8.58 -11.64 -28.46
C ASP A 62 8.75 -11.13 -27.05
N LEU A 63 8.74 -9.82 -26.85
CA LEU A 63 9.01 -9.26 -25.53
C LEU A 63 7.71 -9.02 -24.79
N LEU A 64 7.69 -9.40 -23.51
CA LEU A 64 6.53 -9.28 -22.64
C LEU A 64 6.88 -8.36 -21.47
N LEU A 65 6.09 -7.31 -21.28
CA LEU A 65 6.35 -6.34 -20.23
C LEU A 65 5.13 -6.18 -19.34
N PHE A 66 5.39 -5.82 -18.10
CA PHE A 66 4.37 -5.43 -17.15
C PHE A 66 4.86 -4.14 -16.48
N GLU A 67 3.98 -3.53 -15.68
CA GLU A 67 4.26 -2.29 -14.93
C GLU A 67 4.25 -1.07 -15.84
N SER A 68 3.28 -0.18 -15.60
CA SER A 68 2.92 0.85 -16.56
C SER A 68 4.03 1.88 -16.75
N ARG A 69 4.75 2.25 -15.69
CA ARG A 69 5.81 3.25 -15.84
C ARG A 69 6.99 2.70 -16.64
N ALA A 70 7.39 1.46 -16.38
CA ALA A 70 8.46 0.86 -17.17
C ALA A 70 8.05 0.73 -18.63
N ILE A 71 6.81 0.30 -18.87
CA ILE A 71 6.33 0.19 -20.25
C ILE A 71 6.29 1.56 -20.91
N ALA A 72 5.72 2.55 -20.22
CA ALA A 72 5.63 3.89 -20.79
C ALA A 72 6.99 4.37 -21.24
N LYS A 73 8.01 4.19 -20.40
CA LYS A 73 9.36 4.60 -20.77
C LYS A 73 9.92 3.77 -21.91
N TYR A 74 9.66 2.46 -21.93
CA TYR A 74 10.07 1.66 -23.07
C TYR A 74 9.53 2.26 -24.35
N VAL A 75 8.24 2.63 -24.35
CA VAL A 75 7.58 3.17 -25.53
C VAL A 75 8.16 4.52 -25.92
N LEU A 76 8.41 5.40 -24.93
CA LEU A 76 9.04 6.67 -25.22
C LEU A 76 10.44 6.48 -25.78
N ARG A 77 11.17 5.48 -25.29
CA ARG A 77 12.52 5.25 -25.80
C ARG A 77 12.48 4.62 -27.19
N LYS A 78 11.63 3.60 -27.37
CA LYS A 78 11.62 2.88 -28.63
C LYS A 78 11.31 3.81 -29.79
N TYR A 79 10.25 4.62 -29.67
CA TYR A 79 9.79 5.44 -30.78
C TYR A 79 10.25 6.89 -30.68
N LYS A 80 11.38 7.16 -30.03
CA LYS A 80 11.82 8.54 -29.89
C LYS A 80 12.46 9.05 -31.18
N THR A 81 12.17 10.32 -31.49
CA THR A 81 12.77 11.02 -32.63
C THR A 81 13.15 12.43 -32.17
N ASP A 82 13.70 13.23 -33.09
CA ASP A 82 14.12 14.58 -32.71
C ASP A 82 12.94 15.48 -32.37
N GLU A 83 11.81 15.29 -33.03
CA GLU A 83 10.63 16.12 -32.80
C GLU A 83 9.77 15.65 -31.65
N VAL A 84 9.88 14.39 -31.25
CA VAL A 84 9.16 13.88 -30.08
C VAL A 84 10.15 13.08 -29.24
N ASP A 85 10.70 13.72 -28.21
CA ASP A 85 11.69 13.16 -27.30
C ASP A 85 11.17 13.53 -25.92
N LEU A 86 10.43 12.61 -25.30
CA LEU A 86 9.67 12.94 -24.11
C LEU A 86 10.43 12.63 -22.82
N LEU A 87 11.61 12.01 -22.93
CA LEU A 87 12.46 11.66 -21.80
C LEU A 87 13.73 12.49 -21.73
N ARG A 88 14.23 12.99 -22.86
CA ARG A 88 15.36 13.93 -22.90
C ARG A 88 16.64 13.31 -22.37
N GLU A 89 16.77 11.98 -22.44
CA GLU A 89 17.95 11.32 -21.89
C GLU A 89 19.24 11.77 -22.53
N GLY A 90 19.15 12.49 -23.65
CA GLY A 90 20.34 13.12 -24.21
C GLY A 90 20.82 14.28 -23.38
N ASN A 91 19.90 15.13 -22.93
CA ASN A 91 20.23 16.30 -22.12
C ASN A 91 20.19 15.90 -20.65
N LEU A 92 21.37 15.74 -20.04
CA LEU A 92 21.44 15.33 -18.64
C LEU A 92 20.61 16.23 -17.74
N LYS A 93 20.65 17.55 -18.01
CA LYS A 93 19.97 18.52 -17.16
C LYS A 93 18.46 18.47 -17.35
N GLU A 94 18.00 18.38 -18.61
CA GLU A 94 16.57 18.21 -18.87
C GLU A 94 16.06 16.86 -18.36
N ALA A 95 16.81 15.79 -18.62
CA ALA A 95 16.42 14.47 -18.11
C ALA A 95 16.23 14.49 -16.60
N ALA A 96 17.08 15.23 -15.88
CA ALA A 96 16.97 15.28 -14.43
C ALA A 96 15.65 15.91 -14.00
N MET A 97 15.17 16.93 -14.73
CA MET A 97 13.91 17.56 -14.35
C MET A 97 12.72 16.66 -14.71
N VAL A 98 12.78 15.99 -15.85
CA VAL A 98 11.75 14.98 -16.14
C VAL A 98 11.68 13.97 -15.02
N ASP A 99 12.85 13.48 -14.59
CA ASP A 99 12.94 12.45 -13.55
C ASP A 99 12.37 12.96 -12.24
N VAL A 100 12.79 14.18 -11.85
CA VAL A 100 12.37 14.78 -10.60
C VAL A 100 10.85 14.82 -10.49
N TRP A 101 10.21 15.40 -11.50
CA TRP A 101 8.77 15.57 -11.45
C TRP A 101 8.03 14.26 -11.73
N THR A 102 8.67 13.29 -12.38
CA THR A 102 8.07 11.94 -12.40
C THR A 102 8.01 11.36 -11.00
N GLU A 103 9.06 11.61 -10.18
CA GLU A 103 9.07 11.10 -8.81
C GLU A 103 8.05 11.82 -7.94
N VAL A 104 7.88 13.13 -8.13
CA VAL A 104 6.88 13.89 -7.38
C VAL A 104 5.49 13.34 -7.66
N ASP A 105 5.17 13.10 -8.92
CA ASP A 105 3.90 12.43 -9.20
C ASP A 105 3.81 11.11 -8.43
N ALA A 106 4.86 10.30 -8.51
CA ALA A 106 4.78 8.92 -8.00
C ALA A 106 4.57 8.87 -6.49
N HIS A 107 5.28 9.74 -5.75
CA HIS A 107 5.35 9.69 -4.29
C HIS A 107 4.71 10.87 -3.56
N THR A 108 4.35 11.96 -4.25
CA THR A 108 3.77 13.14 -3.59
C THR A 108 2.40 13.50 -4.12
N TYR A 109 2.25 13.67 -5.44
CA TYR A 109 0.98 14.10 -6.03
C TYR A 109 -0.01 12.95 -6.07
N ASN A 110 0.37 11.84 -6.71
CA ASN A 110 -0.59 10.74 -6.83
C ASN A 110 -1.06 10.20 -5.49
N PRO A 111 -0.21 10.03 -4.47
CA PRO A 111 -0.73 9.62 -3.17
C PRO A 111 -1.76 10.57 -2.58
N ALA A 112 -1.70 11.88 -2.88
CA ALA A 112 -2.69 12.81 -2.34
C ALA A 112 -3.96 12.86 -3.18
N LEU A 113 -3.82 12.84 -4.50
CA LEU A 113 -5.00 12.93 -5.37
C LEU A 113 -5.69 11.57 -5.59
N SER A 114 -4.94 10.48 -5.70
CA SER A 114 -5.66 9.28 -6.16
C SER A 114 -6.71 8.73 -5.18
N PRO A 115 -6.58 8.86 -3.85
CA PRO A 115 -7.67 8.35 -3.00
C PRO A 115 -9.00 9.01 -3.26
N ILE A 116 -8.99 10.30 -3.65
CA ILE A 116 -10.22 11.00 -3.99
C ILE A 116 -10.88 10.37 -5.20
N VAL A 117 -10.07 9.97 -6.20
CA VAL A 117 -10.62 9.31 -7.37
C VAL A 117 -11.27 7.98 -6.98
N TYR A 118 -10.62 7.24 -6.08
CA TYR A 118 -11.20 5.96 -5.68
C TYR A 118 -12.45 6.18 -4.85
N GLU A 119 -12.39 7.13 -3.91
CA GLU A 119 -13.52 7.37 -3.03
C GLU A 119 -14.71 7.92 -3.78
N CYS A 120 -14.47 8.79 -4.77
CA CYS A 120 -15.55 9.50 -5.45
C CYS A 120 -16.03 8.82 -6.74
N LEU A 121 -15.20 8.01 -7.39
CA LEU A 121 -15.57 7.43 -8.69
C LEU A 121 -15.49 5.92 -8.67
N ILE A 122 -14.28 5.36 -8.61
CA ILE A 122 -14.11 3.92 -8.79
C ILE A 122 -14.88 3.14 -7.74
N ASN A 123 -15.08 3.72 -6.55
CA ASN A 123 -15.81 3.00 -5.51
C ASN A 123 -17.32 3.04 -5.74
N PRO A 124 -17.97 4.23 -5.79
CA PRO A 124 -19.42 4.23 -5.93
C PRO A 124 -19.90 3.87 -7.33
N LEU A 125 -19.00 3.42 -8.20
CA LEU A 125 -19.37 2.98 -9.54
C LEU A 125 -19.08 1.50 -9.71
N MET A 126 -17.80 1.10 -9.71
CA MET A 126 -17.42 -0.26 -10.07
C MET A 126 -17.42 -1.22 -8.89
N ARG A 127 -17.59 -0.71 -7.66
CA ARG A 127 -17.68 -1.56 -6.48
C ARG A 127 -18.88 -1.26 -5.60
N GLY A 128 -19.65 -0.20 -5.88
CA GLY A 128 -20.85 0.10 -5.13
C GLY A 128 -20.63 0.77 -3.78
N LEU A 129 -19.41 0.75 -3.24
CA LEU A 129 -19.16 1.33 -1.93
C LEU A 129 -19.40 2.83 -1.96
N PRO A 130 -20.02 3.41 -0.92
CA PRO A 130 -20.17 4.87 -0.89
C PRO A 130 -18.83 5.54 -0.68
N THR A 131 -18.83 6.88 -0.69
CA THR A 131 -17.60 7.66 -0.58
C THR A 131 -17.26 7.85 0.89
N ASN A 132 -16.11 7.32 1.31
CA ASN A 132 -15.62 7.57 2.66
C ASN A 132 -15.18 9.03 2.72
N GLN A 133 -16.02 9.87 3.33
CA GLN A 133 -15.74 11.30 3.33
C GLN A 133 -14.60 11.67 4.27
N THR A 134 -14.36 10.88 5.31
CA THR A 134 -13.17 11.11 6.14
C THR A 134 -11.90 10.95 5.32
N VAL A 135 -11.90 10.02 4.36
CA VAL A 135 -10.76 9.84 3.48
C VAL A 135 -10.64 11.03 2.53
N VAL A 136 -11.79 11.51 2.02
CA VAL A 136 -11.77 12.58 1.02
C VAL A 136 -11.23 13.86 1.63
N ASP A 137 -11.66 14.19 2.85
CA ASP A 137 -11.22 15.45 3.46
C ASP A 137 -9.73 15.43 3.77
N GLU A 138 -9.25 14.33 4.37
CA GLU A 138 -7.81 14.23 4.64
C GLU A 138 -7.00 14.32 3.36
N SER A 139 -7.50 13.71 2.28
CA SER A 139 -6.75 13.74 1.03
C SER A 139 -6.73 15.13 0.43
N LEU A 140 -7.87 15.84 0.48
CA LEU A 140 -7.94 17.21 -0.05
C LEU A 140 -6.99 18.14 0.68
N GLU A 141 -6.91 18.02 2.01
CA GLU A 141 -5.97 18.86 2.73
C GLU A 141 -4.54 18.51 2.34
N LYS A 142 -4.23 17.21 2.14
CA LYS A 142 -2.91 16.87 1.63
C LYS A 142 -2.69 17.45 0.24
N LEU A 143 -3.69 17.32 -0.63
CA LEU A 143 -3.56 17.78 -2.01
C LEU A 143 -3.37 19.30 -2.10
N LYS A 144 -4.06 20.06 -1.25
CA LYS A 144 -3.91 21.51 -1.32
C LYS A 144 -2.46 21.94 -1.14
N LYS A 145 -1.76 21.30 -0.19
CA LYS A 145 -0.35 21.61 0.08
C LYS A 145 0.51 21.31 -1.13
N VAL A 146 0.29 20.15 -1.76
CA VAL A 146 1.01 19.77 -2.98
C VAL A 146 0.81 20.82 -4.06
N LEU A 147 -0.42 21.26 -4.23
CA LEU A 147 -0.75 22.14 -5.36
C LEU A 147 -0.15 23.53 -5.21
N GLU A 148 0.12 23.95 -3.96
CA GLU A 148 0.86 25.19 -3.77
C GLU A 148 2.24 25.13 -4.42
N VAL A 149 2.89 23.96 -4.37
CA VAL A 149 4.21 23.81 -4.95
C VAL A 149 4.12 23.80 -6.48
N TYR A 150 3.16 23.03 -7.02
CA TYR A 150 2.89 23.05 -8.45
C TYR A 150 2.51 24.44 -8.94
N GLU A 151 1.67 25.15 -8.17
CA GLU A 151 1.30 26.51 -8.56
C GLU A 151 2.54 27.37 -8.77
N ALA A 152 3.45 27.37 -7.79
CA ALA A 152 4.71 28.09 -7.92
C ALA A 152 5.52 27.61 -9.11
N ARG A 153 5.65 26.29 -9.27
CA ARG A 153 6.48 25.76 -10.34
C ARG A 153 5.94 26.13 -11.70
N LEU A 154 4.63 26.03 -11.90
CA LEU A 154 4.05 26.33 -13.19
C LEU A 154 3.81 27.83 -13.38
N SER A 155 4.21 28.68 -12.44
CA SER A 155 4.26 30.09 -12.78
C SER A 155 5.58 30.47 -13.43
N GLN A 156 6.61 29.62 -13.29
CA GLN A 156 7.92 29.83 -13.91
C GLN A 156 8.08 29.10 -15.23
N HIS A 157 7.30 28.04 -15.44
CA HIS A 157 7.41 27.22 -16.63
C HIS A 157 6.02 26.80 -17.06
N LYS A 158 5.86 26.58 -18.36
CA LYS A 158 4.59 26.03 -18.85
C LYS A 158 4.46 24.54 -18.54
N TYR A 159 5.56 23.81 -18.38
CA TYR A 159 5.49 22.38 -18.04
C TYR A 159 6.35 22.10 -16.81
N LEU A 160 6.16 20.92 -16.24
CA LEU A 160 6.82 20.59 -14.98
C LEU A 160 8.34 20.50 -15.13
N ALA A 161 8.81 19.92 -16.23
CA ALA A 161 10.26 19.78 -16.37
C ALA A 161 10.91 21.03 -16.93
N GLY A 162 10.13 22.04 -17.29
CA GLY A 162 10.70 23.22 -17.90
C GLY A 162 9.78 23.70 -19.00
N ASP A 163 10.34 24.17 -20.08
CA ASP A 163 9.52 24.77 -21.13
C ASP A 163 9.35 23.80 -22.29
N PHE A 164 8.92 22.58 -21.95
CA PHE A 164 8.65 21.54 -22.91
C PHE A 164 7.86 20.42 -22.23
N VAL A 165 6.87 19.87 -22.93
CA VAL A 165 6.12 18.76 -22.38
C VAL A 165 7.03 17.56 -22.24
N SER A 166 6.78 16.72 -21.24
CA SER A 166 7.63 15.56 -21.05
C SER A 166 6.84 14.42 -20.42
N PHE A 167 7.53 13.30 -20.23
CA PHE A 167 6.97 12.17 -19.48
C PHE A 167 6.41 12.65 -18.14
N ALA A 168 7.10 13.61 -17.50
CA ALA A 168 6.63 14.11 -16.21
C ALA A 168 5.18 14.58 -16.27
N ASP A 169 4.82 15.37 -17.31
CA ASP A 169 3.44 15.86 -17.40
C ASP A 169 2.49 14.74 -17.79
N LEU A 170 2.90 13.89 -18.73
CA LEU A 170 2.06 12.76 -19.15
C LEU A 170 1.69 11.86 -17.97
N ASN A 171 2.62 11.66 -17.03
CA ASN A 171 2.33 10.83 -15.88
C ASN A 171 1.16 11.35 -15.06
N HIS A 172 0.96 12.67 -15.02
CA HIS A 172 -0.11 13.22 -14.19
C HIS A 172 -1.47 13.07 -14.83
N PHE A 173 -1.55 12.79 -16.13
CA PHE A 173 -2.85 12.91 -16.77
C PHE A 173 -3.88 11.89 -16.29
N PRO A 174 -3.59 10.58 -16.23
CA PRO A 174 -4.67 9.62 -16.00
C PRO A 174 -5.44 9.83 -14.71
N TYR A 175 -4.77 9.89 -13.54
CA TYR A 175 -5.54 10.10 -12.31
C TYR A 175 -6.17 11.49 -12.28
N THR A 176 -5.49 12.50 -12.82
CA THR A 176 -6.05 13.84 -12.72
C THR A 176 -7.33 13.97 -13.54
N PHE A 177 -7.38 13.28 -14.69
CA PHE A 177 -8.58 13.28 -15.51
C PHE A 177 -9.78 12.81 -14.72
N TYR A 178 -9.64 11.68 -14.01
CA TYR A 178 -10.75 11.21 -13.17
C TYR A 178 -11.04 12.21 -12.05
N PHE A 179 -10.00 12.74 -11.41
CA PHE A 179 -10.23 13.75 -10.39
C PHE A 179 -11.05 14.89 -10.95
N MET A 180 -10.75 15.33 -12.16
CA MET A 180 -11.45 16.48 -12.75
C MET A 180 -12.89 16.14 -13.12
N ALA A 181 -13.29 14.88 -13.03
CA ALA A 181 -14.66 14.46 -13.27
C ALA A 181 -15.52 14.47 -12.02
N THR A 182 -14.94 14.74 -10.86
CA THR A 182 -15.66 14.79 -9.60
C THR A 182 -16.03 16.22 -9.26
N PRO A 183 -16.93 16.44 -8.29
CA PRO A 183 -17.19 17.82 -7.84
C PRO A 183 -15.97 18.51 -7.30
N HIS A 184 -14.88 17.77 -7.05
CA HIS A 184 -13.67 18.38 -6.52
C HIS A 184 -12.82 19.04 -7.60
N ALA A 185 -13.19 18.90 -8.87
CA ALA A 185 -12.53 19.66 -9.94
C ALA A 185 -12.39 21.14 -9.60
N ALA A 186 -13.34 21.69 -8.84
CA ALA A 186 -13.32 23.13 -8.56
C ALA A 186 -12.08 23.53 -7.78
N LEU A 187 -11.40 22.57 -7.15
CA LEU A 187 -10.23 22.91 -6.36
C LEU A 187 -9.14 23.53 -7.23
N PHE A 188 -8.99 23.06 -8.47
CA PHE A 188 -7.97 23.64 -9.33
C PHE A 188 -8.19 25.14 -9.59
N ASP A 189 -9.42 25.64 -9.42
CA ASP A 189 -9.65 27.07 -9.69
C ASP A 189 -8.85 27.98 -8.77
N SER A 190 -8.52 27.49 -7.57
CA SER A 190 -7.68 28.27 -6.66
C SER A 190 -6.21 28.18 -6.99
N TYR A 191 -5.81 27.52 -8.07
CA TYR A 191 -4.41 27.40 -8.46
C TYR A 191 -4.37 27.66 -9.95
N PRO A 192 -4.39 28.94 -10.36
CA PRO A 192 -4.60 29.30 -11.76
C PRO A 192 -3.44 28.91 -12.66
N HIS A 193 -2.23 28.83 -12.15
CA HIS A 193 -1.17 28.31 -12.99
C HIS A 193 -1.26 26.79 -13.12
N VAL A 194 -1.82 26.10 -12.12
CA VAL A 194 -2.02 24.65 -12.26
C VAL A 194 -3.14 24.38 -13.27
N LYS A 195 -4.26 25.10 -13.13
CA LYS A 195 -5.36 24.94 -14.06
C LYS A 195 -4.95 25.25 -15.50
N ALA A 196 -4.15 26.30 -15.71
CA ALA A 196 -3.73 26.62 -17.07
C ALA A 196 -2.88 25.49 -17.66
N TRP A 197 -1.99 24.91 -16.85
CA TRP A 197 -1.22 23.75 -17.27
C TRP A 197 -2.13 22.57 -17.60
N TRP A 198 -3.10 22.30 -16.72
CA TRP A 198 -4.05 21.23 -16.99
C TRP A 198 -4.75 21.45 -18.32
N ASP A 199 -5.16 22.70 -18.60
CA ASP A 199 -5.89 22.96 -19.84
C ASP A 199 -5.00 22.78 -21.05
N ARG A 200 -3.74 23.19 -20.94
CA ARG A 200 -2.76 22.96 -22.00
C ARG A 200 -2.62 21.47 -22.31
N LEU A 201 -2.75 20.61 -21.28
CA LEU A 201 -2.58 19.18 -21.52
C LEU A 201 -3.83 18.61 -22.15
N MET A 202 -4.99 18.98 -21.59
CA MET A 202 -6.28 18.59 -22.15
C MET A 202 -6.44 19.00 -23.61
N ALA A 203 -5.74 20.06 -24.05
CA ALA A 203 -5.88 20.49 -25.44
C ALA A 203 -5.08 19.64 -26.41
N ARG A 204 -4.11 18.86 -25.92
CA ARG A 204 -3.28 18.06 -26.81
C ARG A 204 -4.12 17.00 -27.53
N PRO A 205 -3.88 16.76 -28.82
CA PRO A 205 -4.68 15.76 -29.52
C PRO A 205 -4.53 14.37 -28.92
N ALA A 206 -3.30 13.97 -28.57
CA ALA A 206 -3.12 12.64 -27.99
C ALA A 206 -3.88 12.47 -26.68
N VAL A 207 -3.98 13.53 -25.89
CA VAL A 207 -4.68 13.46 -24.61
C VAL A 207 -6.19 13.40 -24.83
N LYS A 208 -6.69 14.20 -25.77
CA LYS A 208 -8.11 14.12 -26.10
C LYS A 208 -8.48 12.74 -26.59
N LYS A 209 -7.58 12.11 -27.36
CA LYS A 209 -7.82 10.76 -27.86
C LYS A 209 -7.92 9.76 -26.71
N ILE A 210 -6.98 9.82 -25.76
CA ILE A 210 -6.98 8.84 -24.67
C ILE A 210 -8.11 9.15 -23.67
N ALA A 211 -8.41 10.43 -23.45
CA ALA A 211 -9.54 10.81 -22.60
C ALA A 211 -10.84 10.20 -23.10
N ALA A 212 -11.03 10.18 -24.42
CA ALA A 212 -12.22 9.53 -24.98
C ALA A 212 -12.30 8.07 -24.56
N THR A 213 -11.15 7.41 -24.40
CA THR A 213 -11.17 5.99 -24.05
C THR A 213 -11.46 5.73 -22.59
N MET A 214 -11.46 6.76 -21.73
CA MET A 214 -11.62 6.54 -20.29
C MET A 214 -13.06 6.62 -19.85
N VAL A 215 -13.98 6.01 -20.59
CA VAL A 215 -15.38 5.96 -20.19
C VAL A 215 -15.67 4.57 -19.65
N PRO A 216 -16.58 4.44 -18.69
CA PRO A 216 -16.95 3.11 -18.19
C PRO A 216 -17.64 2.31 -19.28
N PRO A 217 -17.69 0.99 -19.14
CA PRO A 217 -18.31 0.15 -20.18
C PRO A 217 -19.82 0.35 -20.30
N LYS A 218 -20.51 -0.65 -20.84
CA LYS A 218 -21.96 -0.56 -21.03
C LYS A 218 -22.61 -1.91 -20.79
N ALA A 219 -22.20 -2.91 -21.56
CA ALA A 219 -22.75 -4.26 -21.43
C ALA A 219 -21.82 -5.30 -22.06
N ALA B 2 37.15 19.81 -10.07
CA ALA B 2 35.77 20.24 -9.81
C ALA B 2 34.84 19.09 -9.34
N PRO B 3 35.07 18.53 -8.15
CA PRO B 3 34.20 17.44 -7.66
C PRO B 3 32.80 17.96 -7.35
N VAL B 4 31.84 17.03 -7.40
CA VAL B 4 30.45 17.34 -7.08
C VAL B 4 30.25 17.25 -5.56
N LYS B 5 29.14 17.83 -5.09
CA LYS B 5 28.89 17.93 -3.66
C LYS B 5 27.53 17.35 -3.36
N VAL B 6 27.45 16.53 -2.30
CA VAL B 6 26.20 15.97 -1.80
C VAL B 6 25.96 16.58 -0.44
N PHE B 7 24.84 17.28 -0.29
CA PHE B 7 24.46 17.89 0.98
C PHE B 7 23.35 17.06 1.62
N GLY B 8 23.64 16.51 2.80
CA GLY B 8 22.69 15.81 3.63
C GLY B 8 23.42 15.00 4.69
N PRO B 9 22.67 14.42 5.63
CA PRO B 9 23.29 13.48 6.60
C PRO B 9 23.70 12.20 5.90
N ALA B 10 25.00 11.84 5.98
CA ALA B 10 25.51 10.67 5.27
C ALA B 10 24.79 9.38 5.67
N MET B 11 24.32 9.29 6.92
CA MET B 11 23.56 8.12 7.33
C MET B 11 22.18 8.03 6.68
N SER B 12 21.70 9.09 6.02
CA SER B 12 20.36 9.06 5.44
C SER B 12 20.26 8.04 4.30
N THR B 13 19.09 7.41 4.17
CA THR B 13 18.92 6.46 3.08
C THR B 13 18.99 7.16 1.73
N ASN B 14 18.48 8.38 1.65
CA ASN B 14 18.49 9.08 0.36
C ASN B 14 19.87 9.60 0.01
N VAL B 15 20.70 9.90 1.03
CA VAL B 15 22.09 10.22 0.72
C VAL B 15 22.82 8.97 0.27
N ALA B 16 22.66 7.87 1.00
CA ALA B 16 23.32 6.62 0.62
C ALA B 16 22.99 6.19 -0.82
N ARG B 17 21.72 6.33 -1.23
CA ARG B 17 21.37 5.99 -2.60
C ARG B 17 22.26 6.72 -3.59
N VAL B 18 22.49 8.01 -3.34
CA VAL B 18 23.24 8.89 -4.23
C VAL B 18 24.74 8.60 -4.17
N THR B 19 25.27 8.39 -2.96
CA THR B 19 26.70 8.18 -2.82
C THR B 19 27.11 6.77 -3.25
N LEU B 20 26.22 5.78 -3.11
CA LEU B 20 26.53 4.45 -3.66
C LEU B 20 26.76 4.55 -5.15
N CYS B 21 25.87 5.25 -5.86
CA CYS B 21 26.01 5.41 -7.30
C CYS B 21 27.30 6.14 -7.66
N LEU B 22 27.60 7.25 -6.97
CA LEU B 22 28.84 7.96 -7.21
C LEU B 22 30.06 7.07 -6.97
N GLU B 23 30.04 6.25 -5.91
CA GLU B 23 31.15 5.31 -5.71
C GLU B 23 31.26 4.35 -6.88
N GLU B 24 30.15 3.70 -7.25
CA GLU B 24 30.17 2.70 -8.32
C GLU B 24 30.70 3.30 -9.63
N VAL B 25 30.41 4.56 -9.90
CA VAL B 25 30.88 5.13 -11.16
C VAL B 25 32.25 5.77 -10.97
N GLY B 26 32.86 5.56 -9.80
CA GLY B 26 34.18 6.08 -9.52
C GLY B 26 34.30 7.58 -9.66
N ALA B 27 33.26 8.32 -9.28
CA ALA B 27 33.30 9.77 -9.37
C ALA B 27 33.91 10.34 -8.10
N GLU B 28 34.56 11.49 -8.24
CA GLU B 28 35.05 12.21 -7.07
C GLU B 28 34.00 13.21 -6.63
N TYR B 29 33.80 13.27 -5.33
CA TYR B 29 32.68 13.99 -4.74
C TYR B 29 32.99 14.21 -3.27
N GLU B 30 32.29 15.15 -2.68
CA GLU B 30 32.43 15.36 -1.27
C GLU B 30 31.04 15.43 -0.64
N VAL B 31 30.91 14.86 0.56
CA VAL B 31 29.66 14.89 1.31
C VAL B 31 29.74 16.00 2.34
N VAL B 32 28.70 16.82 2.39
CA VAL B 32 28.59 17.92 3.35
C VAL B 32 27.41 17.61 4.25
N ASP B 33 27.70 17.25 5.49
CA ASP B 33 26.67 16.92 6.45
C ASP B 33 25.93 18.17 6.86
N ILE B 34 24.60 18.15 6.68
CA ILE B 34 23.75 19.29 7.01
C ILE B 34 22.30 18.86 6.84
N ASP B 35 21.46 19.19 7.82
CA ASP B 35 20.07 18.76 7.87
C ASP B 35 19.19 19.92 7.37
N PHE B 36 19.01 19.99 6.05
CA PHE B 36 18.45 21.16 5.41
C PHE B 36 17.01 21.48 5.82
N LYS B 37 16.34 20.59 6.54
CA LYS B 37 15.04 20.92 7.10
C LYS B 37 15.28 21.33 8.57
N ALA B 38 15.58 22.61 8.76
CA ALA B 38 15.74 23.18 10.09
C ALA B 38 14.70 24.29 10.23
N PHE B 52 8.52 20.49 -0.54
CA PHE B 52 8.72 19.05 -0.67
C PHE B 52 9.90 18.58 0.18
N GLY B 53 10.94 19.41 0.26
CA GLY B 53 12.11 19.14 1.09
C GLY B 53 12.85 17.86 0.78
N GLN B 54 13.05 17.56 -0.51
CA GLN B 54 13.74 16.35 -0.94
C GLN B 54 15.12 16.26 -0.27
N ILE B 55 15.41 15.10 0.32
CA ILE B 55 16.41 14.99 1.40
C ILE B 55 17.83 15.29 0.96
N PRO B 56 18.37 14.67 -0.10
CA PRO B 56 19.70 15.07 -0.55
C PRO B 56 19.65 16.26 -1.51
N ALA B 57 20.54 17.22 -1.29
CA ALA B 57 20.82 18.26 -2.26
C ALA B 57 22.14 17.94 -2.96
N PHE B 58 22.20 18.20 -4.25
CA PHE B 58 23.31 17.78 -5.08
C PHE B 58 23.73 18.95 -5.93
N GLN B 59 25.03 19.23 -5.98
CA GLN B 59 25.50 20.40 -6.71
C GLN B 59 26.62 19.98 -7.66
N ASP B 60 26.40 20.22 -8.94
CA ASP B 60 27.37 19.91 -9.99
C ASP B 60 27.80 21.23 -10.63
N GLY B 61 28.55 22.02 -9.88
CA GLY B 61 28.82 23.40 -10.25
C GLY B 61 27.55 24.18 -10.55
N ASP B 62 27.32 24.42 -11.84
CA ASP B 62 26.25 25.32 -12.25
C ASP B 62 24.88 24.82 -11.83
N LEU B 63 24.72 23.51 -11.68
CA LEU B 63 23.43 22.89 -11.46
C LEU B 63 23.28 22.32 -10.05
N LEU B 64 22.04 22.35 -9.57
CA LEU B 64 21.73 22.00 -8.19
C LEU B 64 20.46 21.16 -8.21
N LEU B 65 20.55 19.90 -7.78
CA LEU B 65 19.40 19.01 -7.82
C LEU B 65 19.00 18.53 -6.42
N PHE B 66 17.77 18.03 -6.35
CA PHE B 66 17.20 17.42 -5.17
C PHE B 66 16.60 16.07 -5.58
N GLU B 67 16.16 15.29 -4.59
CA GLU B 67 15.46 14.02 -4.81
C GLU B 67 16.44 12.95 -5.22
N SER B 68 16.57 11.94 -4.35
CA SER B 68 17.70 11.01 -4.45
C SER B 68 17.65 10.16 -5.71
N ARG B 69 16.47 9.78 -6.18
CA ARG B 69 16.41 8.92 -7.36
C ARG B 69 16.73 9.68 -8.63
N ALA B 70 16.27 10.94 -8.75
CA ALA B 70 16.64 11.73 -9.92
C ALA B 70 18.14 12.00 -9.95
N ILE B 71 18.72 12.25 -8.78
CA ILE B 71 20.15 12.50 -8.69
C ILE B 71 20.94 11.25 -9.04
N ALA B 72 20.55 10.11 -8.48
CA ALA B 72 21.28 8.87 -8.76
C ALA B 72 21.31 8.60 -10.26
N LYS B 73 20.17 8.77 -10.93
CA LYS B 73 20.14 8.54 -12.37
C LYS B 73 20.99 9.57 -13.12
N TYR B 74 21.01 10.82 -12.65
CA TYR B 74 21.90 11.81 -13.25
C TYR B 74 23.34 11.39 -13.11
N VAL B 75 23.75 10.94 -11.92
CA VAL B 75 25.11 10.45 -11.73
C VAL B 75 25.40 9.27 -12.67
N LEU B 76 24.56 8.23 -12.63
CA LEU B 76 24.81 7.06 -13.47
C LEU B 76 24.86 7.44 -14.94
N ARG B 77 24.13 8.48 -15.33
CA ARG B 77 24.13 8.90 -16.74
C ARG B 77 25.41 9.63 -17.09
N LYS B 78 25.83 10.58 -16.25
CA LYS B 78 26.97 11.43 -16.57
C LYS B 78 28.27 10.62 -16.61
N TYR B 79 28.50 9.79 -15.61
CA TYR B 79 29.74 9.01 -15.52
C TYR B 79 29.63 7.66 -16.22
N LYS B 80 28.71 7.51 -17.17
CA LYS B 80 28.48 6.24 -17.85
C LYS B 80 29.68 5.84 -18.71
N THR B 81 30.21 4.64 -18.48
CA THR B 81 31.26 4.04 -19.30
C THR B 81 30.78 2.69 -19.83
N ASP B 82 31.62 2.02 -20.62
CA ASP B 82 31.27 0.68 -21.08
C ASP B 82 31.44 -0.34 -19.96
N GLU B 83 32.41 -0.13 -19.07
CA GLU B 83 32.58 -0.99 -17.91
C GLU B 83 31.45 -0.78 -16.90
N VAL B 84 30.96 0.46 -16.77
CA VAL B 84 29.94 0.82 -15.79
C VAL B 84 28.79 1.47 -16.54
N ASP B 85 27.73 0.71 -16.82
CA ASP B 85 26.51 1.22 -17.47
C ASP B 85 25.36 0.69 -16.62
N LEU B 86 25.11 1.35 -15.50
CA LEU B 86 24.18 0.79 -14.53
C LEU B 86 22.72 1.01 -14.90
N LEU B 87 22.43 1.74 -15.98
CA LEU B 87 21.06 1.95 -16.41
C LEU B 87 20.69 1.24 -17.72
N ARG B 88 21.67 0.92 -18.57
CA ARG B 88 21.45 0.13 -19.79
C ARG B 88 20.49 0.80 -20.77
N GLU B 89 20.55 2.14 -20.86
CA GLU B 89 19.57 2.87 -21.65
C GLU B 89 19.75 2.67 -23.16
N GLY B 90 20.93 2.20 -23.60
CA GLY B 90 21.10 1.84 -24.99
C GLY B 90 20.50 0.51 -25.39
N ASN B 91 20.10 -0.30 -24.41
CA ASN B 91 19.44 -1.59 -24.66
C ASN B 91 18.02 -1.52 -24.12
N LEU B 92 17.04 -1.36 -25.02
CA LEU B 92 15.66 -1.17 -24.61
C LEU B 92 15.17 -2.26 -23.67
N LYS B 93 15.49 -3.51 -23.97
CA LYS B 93 14.99 -4.61 -23.15
C LYS B 93 15.65 -4.63 -21.78
N GLU B 94 16.98 -4.52 -21.72
CA GLU B 94 17.66 -4.47 -20.43
C GLU B 94 17.20 -3.26 -19.62
N ALA B 95 17.08 -2.10 -20.26
CA ALA B 95 16.64 -0.90 -19.55
C ALA B 95 15.24 -1.07 -18.98
N ALA B 96 14.39 -1.86 -19.66
CA ALA B 96 13.05 -2.05 -19.14
C ALA B 96 13.07 -2.91 -17.88
N MET B 97 13.99 -3.89 -17.83
CA MET B 97 14.13 -4.69 -16.62
C MET B 97 14.72 -3.86 -15.47
N VAL B 98 15.71 -3.02 -15.76
CA VAL B 98 16.17 -2.07 -14.74
C VAL B 98 14.99 -1.24 -14.24
N ASP B 99 14.19 -0.73 -15.17
CA ASP B 99 13.05 0.13 -14.84
C ASP B 99 12.00 -0.59 -14.00
N VAL B 100 11.62 -1.82 -14.38
CA VAL B 100 10.56 -2.47 -13.62
C VAL B 100 10.99 -2.72 -12.19
N TRP B 101 12.25 -3.13 -11.99
CA TRP B 101 12.65 -3.52 -10.65
C TRP B 101 13.00 -2.33 -9.78
N THR B 102 13.39 -1.21 -10.38
CA THR B 102 13.42 0.07 -9.65
C THR B 102 12.02 0.45 -9.19
N GLU B 103 10.99 0.20 -10.01
CA GLU B 103 9.62 0.50 -9.58
C GLU B 103 9.17 -0.45 -8.48
N VAL B 104 9.52 -1.74 -8.57
CA VAL B 104 9.15 -2.67 -7.50
C VAL B 104 9.73 -2.20 -6.17
N ASP B 105 11.01 -1.83 -6.17
CA ASP B 105 11.58 -1.22 -4.97
C ASP B 105 10.71 -0.09 -4.46
N ALA B 106 10.49 0.92 -5.31
CA ALA B 106 9.84 2.15 -4.85
C ALA B 106 8.43 1.89 -4.34
N HIS B 107 7.65 1.02 -5.00
CA HIS B 107 6.25 0.92 -4.65
C HIS B 107 5.86 -0.41 -4.00
N THR B 108 6.73 -1.43 -4.01
CA THR B 108 6.36 -2.72 -3.44
C THR B 108 7.31 -3.15 -2.33
N TYR B 109 8.62 -3.17 -2.60
CA TYR B 109 9.58 -3.67 -1.63
C TYR B 109 9.82 -2.65 -0.51
N ASN B 110 10.16 -1.41 -0.88
CA ASN B 110 10.42 -0.43 0.16
C ASN B 110 9.21 -0.16 1.04
N PRO B 111 7.97 -0.09 0.52
CA PRO B 111 6.82 0.11 1.43
C PRO B 111 6.62 -1.01 2.44
N ALA B 112 7.09 -2.23 2.16
CA ALA B 112 6.95 -3.33 3.11
C ALA B 112 8.08 -3.34 4.13
N LEU B 113 9.30 -3.04 3.67
CA LEU B 113 10.46 -3.17 4.53
C LEU B 113 10.78 -1.89 5.30
N SER B 114 10.64 -0.70 4.71
CA SER B 114 11.10 0.49 5.42
C SER B 114 10.40 0.76 6.75
N PRO B 115 9.12 0.43 6.98
CA PRO B 115 8.55 0.71 8.31
C PRO B 115 9.13 -0.16 9.41
N ILE B 116 9.77 -1.28 9.09
CA ILE B 116 10.46 -2.07 10.10
C ILE B 116 11.72 -1.34 10.53
N VAL B 117 12.48 -0.84 9.56
CA VAL B 117 13.62 0.02 9.84
C VAL B 117 13.21 1.18 10.71
N TYR B 118 12.05 1.78 10.43
CA TYR B 118 11.67 2.96 11.21
C TYR B 118 11.23 2.56 12.61
N GLU B 119 10.47 1.47 12.71
CA GLU B 119 9.96 1.03 14.02
C GLU B 119 11.07 0.47 14.89
N CYS B 120 11.96 -0.36 14.32
CA CYS B 120 12.96 -1.02 15.15
C CYS B 120 14.16 -0.13 15.40
N LEU B 121 14.47 0.76 14.47
CA LEU B 121 15.74 1.48 14.46
C LEU B 121 15.53 2.97 14.64
N ILE B 122 14.92 3.66 13.66
CA ILE B 122 14.90 5.12 13.64
C ILE B 122 14.14 5.66 14.85
N ASN B 123 12.96 5.10 15.12
CA ASN B 123 12.15 5.62 16.22
C ASN B 123 12.81 5.46 17.59
N PRO B 124 13.28 4.27 18.00
CA PRO B 124 13.96 4.19 19.30
C PRO B 124 15.22 5.02 19.38
N LEU B 125 16.05 4.97 18.34
CA LEU B 125 17.40 5.52 18.45
C LEU B 125 17.42 7.03 18.26
N MET B 126 16.70 7.55 17.26
CA MET B 126 16.73 8.95 16.92
C MET B 126 15.53 9.72 17.48
N ARG B 127 14.32 9.28 17.12
CA ARG B 127 13.12 9.98 17.57
C ARG B 127 12.86 9.78 19.06
N GLY B 128 13.45 8.76 19.67
CA GLY B 128 13.18 8.48 21.07
C GLY B 128 11.84 7.83 21.34
N LEU B 129 11.29 7.10 20.37
CA LEU B 129 10.01 6.43 20.55
C LEU B 129 10.21 4.92 20.51
N PRO B 130 9.60 4.15 21.42
CA PRO B 130 9.73 2.68 21.36
C PRO B 130 9.15 2.10 20.08
N THR B 131 9.49 0.84 19.86
CA THR B 131 9.13 0.09 18.65
C THR B 131 7.66 -0.32 18.72
N ASN B 132 6.85 0.14 17.76
CA ASN B 132 5.46 -0.31 17.68
C ASN B 132 5.42 -1.69 17.01
N GLN B 133 5.19 -2.72 17.82
CA GLN B 133 5.21 -4.08 17.30
C GLN B 133 4.03 -4.38 16.36
N THR B 134 2.92 -3.65 16.49
CA THR B 134 1.80 -3.89 15.56
C THR B 134 2.17 -3.48 14.13
N VAL B 135 2.85 -2.34 13.98
CA VAL B 135 3.31 -1.96 12.65
C VAL B 135 4.34 -2.95 12.12
N VAL B 136 5.25 -3.41 12.99
CA VAL B 136 6.29 -4.35 12.57
C VAL B 136 5.65 -5.64 12.06
N ASP B 137 4.73 -6.21 12.84
CA ASP B 137 4.13 -7.47 12.44
C ASP B 137 3.38 -7.33 11.12
N GLU B 138 2.65 -6.23 10.96
CA GLU B 138 1.90 -6.05 9.72
C GLU B 138 2.85 -5.86 8.54
N SER B 139 3.96 -5.14 8.75
CA SER B 139 4.93 -4.99 7.67
C SER B 139 5.64 -6.29 7.37
N LEU B 140 5.88 -7.11 8.41
CA LEU B 140 6.53 -8.40 8.20
C LEU B 140 5.67 -9.31 7.34
N GLU B 141 4.36 -9.33 7.61
CA GLU B 141 3.49 -10.14 6.77
C GLU B 141 3.54 -9.68 5.33
N LYS B 142 3.54 -8.36 5.09
CA LYS B 142 3.70 -7.86 3.74
C LYS B 142 5.05 -8.27 3.16
N LEU B 143 6.12 -8.04 3.93
CA LEU B 143 7.47 -8.28 3.41
C LEU B 143 7.65 -9.74 3.01
N LYS B 144 7.04 -10.67 3.73
CA LYS B 144 7.21 -12.09 3.41
C LYS B 144 6.70 -12.39 2.02
N LYS B 145 5.53 -11.87 1.65
CA LYS B 145 5.00 -12.13 0.32
C LYS B 145 5.88 -11.52 -0.76
N VAL B 146 6.44 -10.31 -0.52
CA VAL B 146 7.35 -9.70 -1.48
C VAL B 146 8.58 -10.58 -1.69
N LEU B 147 9.15 -11.08 -0.59
CA LEU B 147 10.39 -11.86 -0.67
C LEU B 147 10.18 -13.20 -1.40
N GLU B 148 8.98 -13.76 -1.31
CA GLU B 148 8.64 -14.95 -2.11
C GLU B 148 8.86 -14.71 -3.60
N VAL B 149 8.40 -13.56 -4.10
CA VAL B 149 8.58 -13.21 -5.51
C VAL B 149 10.06 -12.95 -5.81
N TYR B 150 10.75 -12.18 -4.94
CA TYR B 150 12.18 -11.96 -5.15
C TYR B 150 12.94 -13.28 -5.12
N GLU B 151 12.61 -14.15 -4.16
CA GLU B 151 13.24 -15.46 -4.15
C GLU B 151 13.10 -16.14 -5.51
N ALA B 152 11.88 -16.13 -6.05
CA ALA B 152 11.67 -16.74 -7.38
C ALA B 152 12.50 -16.05 -8.45
N ARG B 153 12.57 -14.70 -8.42
CA ARG B 153 13.31 -13.98 -9.45
C ARG B 153 14.80 -14.25 -9.37
N LEU B 154 15.35 -14.22 -8.16
CA LEU B 154 16.79 -14.39 -7.95
C LEU B 154 17.22 -15.86 -7.95
N SER B 155 16.30 -16.79 -8.14
CA SER B 155 16.72 -18.15 -8.50
C SER B 155 16.96 -18.26 -9.99
N GLN B 156 16.37 -17.38 -10.79
CA GLN B 156 16.56 -17.39 -12.23
C GLN B 156 17.70 -16.51 -12.70
N HIS B 157 18.09 -15.52 -11.91
CA HIS B 157 19.09 -14.53 -12.32
C HIS B 157 19.87 -14.11 -11.08
N LYS B 158 21.14 -13.71 -11.29
CA LYS B 158 21.96 -13.25 -10.18
C LYS B 158 21.56 -11.86 -9.67
N TYR B 159 20.96 -11.04 -10.53
CA TYR B 159 20.57 -9.69 -10.20
C TYR B 159 19.14 -9.45 -10.68
N LEU B 160 18.52 -8.41 -10.13
CA LEU B 160 17.09 -8.21 -10.38
C LEU B 160 16.81 -7.95 -11.85
N ALA B 161 17.69 -7.25 -12.55
CA ALA B 161 17.42 -6.95 -13.96
C ALA B 161 17.92 -8.03 -14.89
N GLY B 162 18.63 -9.02 -14.35
CA GLY B 162 19.15 -10.09 -15.17
C GLY B 162 20.53 -10.50 -14.73
N ASP B 163 21.39 -10.82 -15.69
CA ASP B 163 22.74 -11.29 -15.36
C ASP B 163 23.74 -10.16 -15.21
N PHE B 164 23.30 -9.00 -14.73
CA PHE B 164 24.20 -7.87 -14.52
C PHE B 164 23.65 -6.99 -13.40
N VAL B 165 24.54 -6.43 -12.58
CA VAL B 165 24.12 -5.49 -11.55
C VAL B 165 23.63 -4.20 -12.21
N SER B 166 22.63 -3.57 -11.60
CA SER B 166 22.05 -2.38 -12.18
C SER B 166 21.55 -1.44 -11.09
N PHE B 167 21.12 -0.24 -11.53
CA PHE B 167 20.42 0.71 -10.66
C PHE B 167 19.36 0.01 -9.82
N ALA B 168 18.70 -1.01 -10.39
CA ALA B 168 17.64 -1.67 -9.65
C ALA B 168 18.18 -2.31 -8.38
N ASP B 169 19.33 -2.99 -8.47
CA ASP B 169 19.91 -3.58 -7.28
C ASP B 169 20.41 -2.49 -6.33
N LEU B 170 21.02 -1.44 -6.87
CA LEU B 170 21.58 -0.40 -6.02
C LEU B 170 20.50 0.25 -5.15
N ASN B 171 19.29 0.41 -5.69
CA ASN B 171 18.20 1.07 -4.97
C ASN B 171 17.81 0.33 -3.70
N HIS B 172 17.97 -1.00 -3.68
CA HIS B 172 17.58 -1.80 -2.52
C HIS B 172 18.57 -1.69 -1.38
N PHE B 173 19.79 -1.23 -1.65
CA PHE B 173 20.82 -1.28 -0.61
C PHE B 173 20.51 -0.46 0.64
N PRO B 174 20.29 0.86 0.57
CA PRO B 174 20.22 1.66 1.81
C PRO B 174 19.24 1.13 2.86
N TYR B 175 17.97 0.90 2.50
CA TYR B 175 17.03 0.45 3.53
C TYR B 175 17.28 -0.98 3.94
N THR B 176 17.70 -1.84 3.01
CA THR B 176 17.96 -3.22 3.39
C THR B 176 19.18 -3.29 4.32
N PHE B 177 20.20 -2.48 4.06
CA PHE B 177 21.34 -2.40 4.98
C PHE B 177 20.85 -2.16 6.41
N TYR B 178 19.93 -1.21 6.60
CA TYR B 178 19.42 -0.96 7.94
C TYR B 178 18.49 -2.06 8.44
N PHE B 179 17.73 -2.69 7.54
CA PHE B 179 16.91 -3.82 7.97
C PHE B 179 17.77 -4.90 8.62
N MET B 180 18.98 -5.12 8.09
CA MET B 180 19.91 -6.11 8.61
C MET B 180 20.42 -5.78 10.01
N ALA B 181 20.12 -4.58 10.53
CA ALA B 181 20.47 -4.23 11.90
C ALA B 181 19.27 -4.33 12.83
N THR B 182 18.16 -4.87 12.36
CA THR B 182 16.97 -5.05 13.16
C THR B 182 16.90 -6.47 13.65
N PRO B 183 16.05 -6.74 14.65
CA PRO B 183 15.82 -8.13 15.06
C PRO B 183 15.27 -9.02 13.95
N HIS B 184 14.95 -8.47 12.77
CA HIS B 184 14.36 -9.30 11.74
C HIS B 184 15.30 -9.56 10.58
N ALA B 185 16.59 -9.21 10.74
CA ALA B 185 17.59 -9.52 9.72
C ALA B 185 17.56 -10.99 9.30
N ALA B 186 17.35 -11.90 10.25
CA ALA B 186 17.43 -13.32 9.89
C ALA B 186 16.32 -13.76 8.94
N LEU B 187 15.27 -12.95 8.77
CA LEU B 187 14.20 -13.33 7.84
C LEU B 187 14.75 -13.67 6.48
N PHE B 188 15.82 -13.00 6.06
CA PHE B 188 16.34 -13.26 4.72
C PHE B 188 16.93 -14.66 4.56
N ASP B 189 17.31 -15.32 5.66
CA ASP B 189 17.84 -16.69 5.55
C ASP B 189 16.78 -17.66 5.05
N SER B 190 15.50 -17.41 5.38
CA SER B 190 14.40 -18.19 4.85
C SER B 190 14.29 -18.09 3.33
N TYR B 191 15.02 -17.18 2.68
CA TYR B 191 14.93 -16.98 1.24
C TYR B 191 16.35 -17.06 0.68
N PRO B 192 16.83 -18.28 0.42
CA PRO B 192 18.27 -18.46 0.15
C PRO B 192 18.77 -17.74 -1.09
N HIS B 193 17.95 -17.64 -2.13
CA HIS B 193 18.44 -16.94 -3.32
C HIS B 193 18.51 -15.43 -3.07
N VAL B 194 17.64 -14.88 -2.22
CA VAL B 194 17.71 -13.46 -1.93
C VAL B 194 18.95 -13.15 -1.09
N LYS B 195 19.16 -13.93 -0.01
CA LYS B 195 20.39 -13.79 0.79
C LYS B 195 21.63 -13.88 -0.08
N ALA B 196 21.69 -14.89 -0.95
CA ALA B 196 22.79 -14.99 -1.90
C ALA B 196 22.94 -13.71 -2.72
N TRP B 197 21.82 -13.13 -3.15
CA TRP B 197 21.87 -11.86 -3.85
C TRP B 197 22.37 -10.75 -2.93
N TRP B 198 21.88 -10.72 -1.69
CA TRP B 198 22.28 -9.66 -0.75
C TRP B 198 23.76 -9.74 -0.40
N ASP B 199 24.30 -10.96 -0.23
CA ASP B 199 25.73 -11.10 0.04
C ASP B 199 26.57 -10.67 -1.15
N ARG B 200 26.09 -10.91 -2.38
CA ARG B 200 26.82 -10.42 -3.56
C ARG B 200 26.90 -8.90 -3.57
N LEU B 201 25.80 -8.22 -3.23
CA LEU B 201 25.85 -6.76 -3.15
C LEU B 201 26.80 -6.31 -2.05
N MET B 202 26.72 -6.95 -0.88
CA MET B 202 27.55 -6.58 0.27
C MET B 202 29.04 -6.82 0.04
N ALA B 203 29.40 -7.66 -0.94
CA ALA B 203 30.80 -7.87 -1.27
C ALA B 203 31.32 -6.88 -2.30
N ARG B 204 30.45 -6.07 -2.91
CA ARG B 204 30.93 -5.04 -3.83
C ARG B 204 31.71 -3.97 -3.07
N PRO B 205 32.79 -3.43 -3.66
CA PRO B 205 33.64 -2.47 -2.93
C PRO B 205 32.92 -1.16 -2.63
N ALA B 206 32.27 -0.60 -3.66
CA ALA B 206 31.47 0.60 -3.49
C ALA B 206 30.41 0.43 -2.40
N VAL B 207 29.81 -0.76 -2.31
CA VAL B 207 28.83 -0.99 -1.25
C VAL B 207 29.52 -1.05 0.11
N LYS B 208 30.72 -1.64 0.16
CA LYS B 208 31.44 -1.69 1.44
C LYS B 208 31.75 -0.28 1.94
N LYS B 209 32.19 0.61 1.04
CA LYS B 209 32.50 1.97 1.47
C LYS B 209 31.26 2.66 2.03
N ILE B 210 30.15 2.60 1.29
CA ILE B 210 28.99 3.35 1.73
C ILE B 210 28.42 2.75 3.01
N ALA B 211 28.47 1.43 3.15
CA ALA B 211 28.01 0.79 4.38
C ALA B 211 28.77 1.30 5.59
N ALA B 212 30.06 1.58 5.42
CA ALA B 212 30.83 2.09 6.56
C ALA B 212 30.40 3.50 6.95
N THR B 213 29.94 4.31 5.98
CA THR B 213 29.43 5.65 6.30
C THR B 213 28.08 5.64 7.00
N MET B 214 27.36 4.52 7.04
CA MET B 214 26.02 4.49 7.62
C MET B 214 26.03 3.91 9.03
N VAL B 215 26.91 4.42 9.90
CA VAL B 215 26.95 4.01 11.30
C VAL B 215 27.20 5.26 12.15
N PRO B 216 26.18 6.06 12.45
CA PRO B 216 26.39 7.34 13.14
C PRO B 216 26.54 7.15 14.64
N PRO B 217 27.25 8.08 15.32
CA PRO B 217 27.48 8.04 16.78
C PRO B 217 26.37 8.69 17.59
N MET C 1 -5.26 -33.64 26.81
CA MET C 1 -5.76 -34.48 25.73
C MET C 1 -7.16 -34.09 25.31
N ALA C 2 -7.56 -34.60 24.13
CA ALA C 2 -8.91 -34.50 23.58
C ALA C 2 -9.33 -33.05 23.35
N PRO C 3 -9.34 -32.57 22.11
CA PRO C 3 -9.91 -31.26 21.83
C PRO C 3 -11.42 -31.25 22.10
N VAL C 4 -11.94 -30.03 22.24
CA VAL C 4 -13.39 -29.84 22.36
C VAL C 4 -13.97 -29.65 20.96
N LYS C 5 -15.29 -29.64 20.85
CA LYS C 5 -15.95 -29.60 19.55
C LYS C 5 -17.07 -28.57 19.56
N VAL C 6 -17.16 -27.81 18.48
CA VAL C 6 -18.17 -26.78 18.32
C VAL C 6 -19.00 -27.13 17.11
N PHE C 7 -20.29 -27.36 17.31
CA PHE C 7 -21.21 -27.70 16.23
C PHE C 7 -22.06 -26.48 15.92
N GLY C 8 -22.00 -26.01 14.68
CA GLY C 8 -22.79 -24.87 14.26
C GLY C 8 -22.36 -24.37 12.90
N PRO C 9 -23.20 -23.55 12.27
CA PRO C 9 -22.78 -22.87 11.03
C PRO C 9 -21.49 -22.12 11.29
N ALA C 10 -20.40 -22.61 10.73
CA ALA C 10 -19.10 -22.10 11.14
C ALA C 10 -18.84 -20.65 10.67
N MET C 11 -19.85 -19.93 10.20
CA MET C 11 -19.78 -18.51 9.90
C MET C 11 -20.71 -17.69 10.78
N SER C 12 -21.51 -18.32 11.62
CA SER C 12 -22.45 -17.59 12.46
C SER C 12 -21.71 -16.77 13.49
N THR C 13 -22.32 -15.65 13.86
CA THR C 13 -21.78 -14.86 14.96
C THR C 13 -21.69 -15.70 16.25
N ASN C 14 -22.65 -16.61 16.45
CA ASN C 14 -22.68 -17.45 17.65
C ASN C 14 -21.46 -18.35 17.72
N VAL C 15 -21.12 -19.02 16.61
CA VAL C 15 -19.93 -19.86 16.60
C VAL C 15 -18.68 -19.00 16.74
N ALA C 16 -18.64 -17.87 16.03
CA ALA C 16 -17.48 -16.99 16.06
C ALA C 16 -17.14 -16.55 17.48
N ARG C 17 -18.16 -16.13 18.25
CA ARG C 17 -17.93 -15.75 19.63
C ARG C 17 -17.21 -16.85 20.38
N VAL C 18 -17.62 -18.11 20.14
CA VAL C 18 -17.01 -19.24 20.83
C VAL C 18 -15.62 -19.52 20.29
N THR C 19 -15.45 -19.53 18.96
CA THR C 19 -14.15 -19.87 18.40
C THR C 19 -13.10 -18.81 18.72
N LEU C 20 -13.49 -17.53 18.61
CA LEU C 20 -12.61 -16.45 19.04
C LEU C 20 -12.09 -16.69 20.46
N CYS C 21 -12.98 -17.09 21.37
CA CYS C 21 -12.54 -17.30 22.74
C CYS C 21 -11.56 -18.47 22.84
N LEU C 22 -11.89 -19.60 22.19
CA LEU C 22 -10.99 -20.76 22.22
C LEU C 22 -9.60 -20.39 21.71
N GLU C 23 -9.52 -19.62 20.62
CA GLU C 23 -8.23 -19.20 20.09
C GLU C 23 -7.45 -18.36 21.10
N GLU C 24 -8.12 -17.42 21.75
CA GLU C 24 -7.43 -16.53 22.69
C GLU C 24 -6.86 -17.31 23.86
N VAL C 25 -7.48 -18.44 24.23
CA VAL C 25 -6.93 -19.22 25.33
C VAL C 25 -6.00 -20.32 24.83
N GLY C 26 -5.80 -20.44 23.53
CA GLY C 26 -4.98 -21.52 23.01
C GLY C 26 -5.54 -22.91 23.22
N ALA C 27 -6.87 -23.05 23.24
CA ALA C 27 -7.49 -24.36 23.38
C ALA C 27 -7.55 -25.05 22.02
N GLU C 28 -7.13 -26.30 21.98
CA GLU C 28 -7.33 -27.09 20.77
C GLU C 28 -8.80 -27.45 20.65
N TYR C 29 -9.37 -27.18 19.48
CA TYR C 29 -10.79 -27.44 19.27
C TYR C 29 -11.01 -27.85 17.83
N GLU C 30 -12.18 -28.45 17.62
CA GLU C 30 -12.64 -28.86 16.30
C GLU C 30 -13.99 -28.22 16.03
N VAL C 31 -14.16 -27.67 14.82
CA VAL C 31 -15.45 -27.15 14.40
C VAL C 31 -16.08 -28.14 13.42
N VAL C 32 -17.27 -28.64 13.75
CA VAL C 32 -18.05 -29.47 12.83
C VAL C 32 -19.21 -28.63 12.31
N ASP C 33 -19.15 -28.28 11.04
CA ASP C 33 -20.20 -27.48 10.42
C ASP C 33 -21.49 -28.27 10.35
N ILE C 34 -22.55 -27.76 10.96
CA ILE C 34 -23.88 -28.36 10.87
C ILE C 34 -24.91 -27.28 11.10
N ASP C 35 -26.02 -27.38 10.38
CA ASP C 35 -27.19 -26.52 10.58
C ASP C 35 -28.31 -27.36 11.17
N PHE C 36 -29.09 -26.77 12.07
CA PHE C 36 -30.01 -27.55 12.87
C PHE C 36 -31.46 -27.27 12.47
N LYS C 37 -32.38 -27.51 13.40
CA LYS C 37 -33.82 -27.49 13.14
C LYS C 37 -34.34 -26.10 12.80
N GLN C 54 -30.51 -22.73 20.74
CA GLN C 54 -29.23 -22.03 20.99
C GLN C 54 -28.28 -22.41 19.87
N ILE C 55 -27.74 -21.44 19.14
CA ILE C 55 -27.17 -21.72 17.82
C ILE C 55 -25.94 -22.63 17.92
N PRO C 56 -24.93 -22.32 18.72
CA PRO C 56 -23.79 -23.23 18.79
C PRO C 56 -24.00 -24.32 19.83
N ALA C 57 -23.54 -25.52 19.48
CA ALA C 57 -23.47 -26.63 20.42
C ALA C 57 -22.01 -26.93 20.73
N PHE C 58 -21.76 -27.39 21.95
CA PHE C 58 -20.39 -27.49 22.45
C PHE C 58 -20.26 -28.78 23.26
N GLN C 59 -19.25 -29.58 22.94
CA GLN C 59 -19.02 -30.84 23.61
C GLN C 59 -17.62 -30.85 24.23
N ASP C 60 -17.54 -31.23 25.50
CA ASP C 60 -16.27 -31.37 26.21
C ASP C 60 -16.37 -32.69 26.96
N GLY C 61 -15.84 -33.76 26.35
CA GLY C 61 -16.06 -35.09 26.89
C GLY C 61 -17.55 -35.39 26.93
N ASP C 62 -18.03 -35.76 28.13
CA ASP C 62 -19.45 -36.06 28.31
C ASP C 62 -20.33 -34.83 28.34
N LEU C 63 -19.76 -33.67 28.70
CA LEU C 63 -20.54 -32.47 28.93
C LEU C 63 -20.92 -31.80 27.60
N LEU C 64 -22.17 -31.37 27.50
CA LEU C 64 -22.69 -30.79 26.28
C LEU C 64 -23.41 -29.50 26.60
N LEU C 65 -23.03 -28.43 25.92
CA LEU C 65 -23.52 -27.10 26.22
C LEU C 65 -24.04 -26.43 24.96
N PHE C 66 -24.96 -25.49 25.18
CA PHE C 66 -25.55 -24.67 24.15
C PHE C 66 -25.43 -23.21 24.59
N GLU C 67 -25.69 -22.30 23.64
CA GLU C 67 -25.76 -20.85 23.86
C GLU C 67 -24.39 -20.15 23.87
N SER C 68 -24.24 -19.17 22.99
CA SER C 68 -22.97 -18.52 22.68
C SER C 68 -22.24 -18.00 23.92
N ARG C 69 -22.86 -17.05 24.63
CA ARG C 69 -22.16 -16.36 25.71
C ARG C 69 -21.84 -17.29 26.86
N ALA C 70 -22.74 -18.23 27.15
CA ALA C 70 -22.46 -19.21 28.19
C ALA C 70 -21.28 -20.10 27.81
N ILE C 71 -21.19 -20.50 26.54
CA ILE C 71 -20.08 -21.36 26.12
C ILE C 71 -18.77 -20.57 26.11
N ALA C 72 -18.81 -19.33 25.63
CA ALA C 72 -17.61 -18.49 25.70
C ALA C 72 -17.08 -18.41 27.13
N LYS C 73 -17.95 -18.10 28.09
CA LYS C 73 -17.48 -17.97 29.45
C LYS C 73 -16.95 -19.29 29.98
N TYR C 74 -17.65 -20.39 29.71
CA TYR C 74 -17.11 -21.70 30.08
C TYR C 74 -15.69 -21.86 29.56
N VAL C 75 -15.47 -21.51 28.29
CA VAL C 75 -14.15 -21.66 27.67
C VAL C 75 -13.14 -20.78 28.38
N LEU C 76 -13.47 -19.49 28.55
CA LEU C 76 -12.55 -18.56 29.20
C LEU C 76 -12.23 -18.98 30.62
N ARG C 77 -13.21 -19.57 31.32
CA ARG C 77 -12.92 -20.03 32.68
C ARG C 77 -12.07 -21.29 32.66
N LYS C 78 -12.35 -22.21 31.72
CA LYS C 78 -11.72 -23.52 31.76
C LYS C 78 -10.23 -23.43 31.46
N TYR C 79 -9.87 -22.73 30.38
CA TYR C 79 -8.49 -22.50 29.99
C TYR C 79 -7.91 -21.21 30.58
N LYS C 80 -8.44 -20.70 31.68
CA LYS C 80 -7.92 -19.46 32.27
C LYS C 80 -6.52 -19.68 32.82
N THR C 81 -5.61 -18.75 32.52
CA THR C 81 -4.30 -18.77 33.15
C THR C 81 -4.07 -17.43 33.84
N ASP C 82 -3.01 -17.38 34.66
CA ASP C 82 -2.63 -16.11 35.25
C ASP C 82 -2.36 -15.07 34.16
N GLU C 83 -1.82 -15.50 33.02
CA GLU C 83 -1.49 -14.58 31.93
C GLU C 83 -2.68 -14.29 31.00
N VAL C 84 -3.54 -15.29 30.73
CA VAL C 84 -4.68 -15.14 29.82
C VAL C 84 -5.94 -15.34 30.66
N ASP C 85 -6.47 -14.25 31.23
CA ASP C 85 -7.61 -14.27 32.16
C ASP C 85 -8.59 -13.21 31.67
N LEU C 86 -9.45 -13.59 30.70
CA LEU C 86 -10.26 -12.60 29.99
C LEU C 86 -11.57 -12.26 30.69
N LEU C 87 -11.88 -12.91 31.80
CA LEU C 87 -13.01 -12.52 32.63
C LEU C 87 -12.61 -11.76 33.88
N ARG C 88 -11.37 -11.95 34.35
CA ARG C 88 -10.84 -11.27 35.53
C ARG C 88 -11.73 -11.51 36.75
N GLU C 89 -12.27 -12.72 36.86
CA GLU C 89 -13.26 -13.02 37.89
C GLU C 89 -12.65 -12.97 39.29
N GLY C 90 -11.31 -12.97 39.39
CA GLY C 90 -10.64 -12.83 40.68
C GLY C 90 -10.43 -11.40 41.13
N ASN C 91 -10.57 -10.42 40.23
CA ASN C 91 -10.44 -9.00 40.58
C ASN C 91 -11.82 -8.38 40.46
N LEU C 92 -12.43 -8.09 41.61
CA LEU C 92 -13.82 -7.67 41.64
C LEU C 92 -14.08 -6.51 40.69
N LYS C 93 -13.24 -5.47 40.76
CA LYS C 93 -13.49 -4.25 40.01
C LYS C 93 -13.26 -4.45 38.52
N GLU C 94 -12.19 -5.16 38.15
CA GLU C 94 -11.98 -5.46 36.73
C GLU C 94 -13.11 -6.36 36.21
N ALA C 95 -13.56 -7.32 37.01
CA ALA C 95 -14.65 -8.18 36.56
C ALA C 95 -15.95 -7.42 36.38
N ALA C 96 -16.17 -6.38 37.20
CA ALA C 96 -17.35 -5.53 37.03
C ALA C 96 -17.29 -4.74 35.73
N MET C 97 -16.10 -4.30 35.34
CA MET C 97 -15.94 -3.57 34.08
C MET C 97 -16.11 -4.52 32.90
N VAL C 98 -15.53 -5.71 32.97
CA VAL C 98 -15.84 -6.74 31.96
C VAL C 98 -17.35 -6.92 31.86
N ASP C 99 -18.01 -7.15 33.00
CA ASP C 99 -19.43 -7.48 32.98
C ASP C 99 -20.30 -6.35 32.43
N VAL C 100 -20.09 -5.11 32.88
CA VAL C 100 -20.98 -4.03 32.44
C VAL C 100 -20.90 -3.86 30.92
N TRP C 101 -19.69 -3.93 30.36
CA TRP C 101 -19.55 -3.70 28.93
C TRP C 101 -19.94 -4.90 28.10
N THR C 102 -19.92 -6.10 28.68
CA THR C 102 -20.58 -7.24 28.04
C THR C 102 -22.08 -7.02 27.96
N GLU C 103 -22.66 -6.41 29.01
CA GLU C 103 -24.08 -6.11 29.00
C GLU C 103 -24.41 -4.98 28.02
N VAL C 104 -23.50 -4.01 27.89
CA VAL C 104 -23.70 -2.96 26.91
C VAL C 104 -23.76 -3.55 25.51
N ASP C 105 -22.85 -4.47 25.18
CA ASP C 105 -22.96 -5.16 23.91
C ASP C 105 -24.33 -5.81 23.75
N ALA C 106 -24.79 -6.55 24.77
CA ALA C 106 -25.94 -7.42 24.56
C ALA C 106 -27.24 -6.64 24.50
N HIS C 107 -27.33 -5.50 25.18
CA HIS C 107 -28.61 -4.80 25.28
C HIS C 107 -28.60 -3.42 24.67
N THR C 108 -27.44 -2.85 24.37
CA THR C 108 -27.38 -1.51 23.80
C THR C 108 -26.71 -1.53 22.42
N TYR C 109 -25.47 -2.02 22.32
CA TYR C 109 -24.73 -1.92 21.07
C TYR C 109 -25.26 -2.89 20.03
N ASN C 110 -25.27 -4.18 20.35
CA ASN C 110 -25.71 -5.16 19.35
C ASN C 110 -27.14 -4.94 18.87
N PRO C 111 -28.13 -4.61 19.71
CA PRO C 111 -29.47 -4.37 19.16
C PRO C 111 -29.52 -3.20 18.19
N ALA C 112 -28.61 -2.25 18.30
CA ALA C 112 -28.58 -1.14 17.33
C ALA C 112 -27.83 -1.52 16.07
N LEU C 113 -26.84 -2.41 16.17
CA LEU C 113 -25.99 -2.73 15.03
C LEU C 113 -26.42 -4.00 14.30
N SER C 114 -26.85 -5.03 15.02
CA SER C 114 -27.15 -6.30 14.36
C SER C 114 -28.30 -6.23 13.34
N PRO C 115 -29.31 -5.35 13.45
CA PRO C 115 -30.27 -5.25 12.34
C PRO C 115 -29.63 -4.73 11.07
N ILE C 116 -28.64 -3.84 11.18
CA ILE C 116 -27.95 -3.31 10.02
C ILE C 116 -27.32 -4.44 9.22
N VAL C 117 -26.71 -5.41 9.90
CA VAL C 117 -26.05 -6.47 9.17
C VAL C 117 -27.04 -7.55 8.75
N TYR C 118 -28.13 -7.75 9.49
CA TYR C 118 -29.14 -8.70 9.04
C TYR C 118 -29.87 -8.19 7.80
N GLU C 119 -30.13 -6.88 7.75
CA GLU C 119 -30.80 -6.30 6.58
C GLU C 119 -29.87 -6.19 5.40
N CYS C 120 -28.63 -5.76 5.62
CA CYS C 120 -27.75 -5.47 4.50
C CYS C 120 -27.05 -6.72 3.96
N LEU C 121 -26.89 -7.77 4.78
CA LEU C 121 -26.26 -9.00 4.31
C LEU C 121 -27.21 -10.19 4.31
N ILE C 122 -27.70 -10.62 5.47
CA ILE C 122 -28.35 -11.93 5.54
C ILE C 122 -29.72 -11.90 4.87
N ASN C 123 -30.39 -10.74 4.85
CA ASN C 123 -31.70 -10.68 4.19
C ASN C 123 -31.59 -10.87 2.68
N PRO C 124 -30.68 -10.20 1.95
CA PRO C 124 -30.54 -10.51 0.52
C PRO C 124 -29.84 -11.83 0.24
N LEU C 125 -28.70 -12.07 0.89
CA LEU C 125 -27.86 -13.22 0.57
C LEU C 125 -28.48 -14.54 1.02
N MET C 126 -28.44 -14.82 2.33
CA MET C 126 -28.99 -16.06 2.87
C MET C 126 -30.50 -16.12 2.67
N ARG C 127 -31.24 -15.48 3.57
CA ARG C 127 -32.70 -15.53 3.58
C ARG C 127 -33.29 -14.53 2.59
N GLY C 128 -32.96 -14.76 1.31
CA GLY C 128 -33.29 -13.90 0.18
C GLY C 128 -34.54 -13.04 0.27
N LEU C 129 -34.35 -11.71 0.34
CA LEU C 129 -35.40 -10.72 0.41
C LEU C 129 -34.75 -9.33 0.37
N PRO C 130 -35.47 -8.27 0.04
CA PRO C 130 -34.82 -6.97 -0.18
C PRO C 130 -34.43 -6.28 1.13
N THR C 131 -33.49 -5.34 0.99
CA THR C 131 -32.97 -4.59 2.13
C THR C 131 -33.99 -3.53 2.54
N ASN C 132 -34.51 -3.66 3.76
CA ASN C 132 -35.45 -2.68 4.31
C ASN C 132 -34.67 -1.45 4.76
N GLN C 133 -34.95 -0.29 4.13
CA GLN C 133 -34.18 0.92 4.42
C GLN C 133 -34.69 1.68 5.64
N THR C 134 -35.97 1.53 5.98
CA THR C 134 -36.50 2.22 7.16
C THR C 134 -35.84 1.69 8.42
N VAL C 135 -35.67 0.36 8.52
CA VAL C 135 -35.05 -0.22 9.70
C VAL C 135 -33.56 0.06 9.71
N VAL C 136 -32.91 0.06 8.53
CA VAL C 136 -31.48 0.32 8.46
C VAL C 136 -31.18 1.74 8.92
N ASP C 137 -31.92 2.72 8.40
CA ASP C 137 -31.69 4.12 8.79
C ASP C 137 -32.00 4.35 10.27
N GLU C 138 -33.02 3.68 10.80
CA GLU C 138 -33.33 3.83 12.22
C GLU C 138 -32.24 3.20 13.09
N SER C 139 -31.76 2.01 12.69
CA SER C 139 -30.66 1.38 13.41
C SER C 139 -29.40 2.23 13.35
N LEU C 140 -29.15 2.89 12.20
CA LEU C 140 -27.98 3.76 12.06
C LEU C 140 -28.05 4.93 13.02
N GLU C 141 -29.22 5.53 13.18
CA GLU C 141 -29.35 6.66 14.09
C GLU C 141 -29.13 6.23 15.53
N LYS C 142 -29.65 5.05 15.90
CA LYS C 142 -29.43 4.56 17.26
C LYS C 142 -27.97 4.15 17.45
N LEU C 143 -27.37 3.51 16.44
CA LEU C 143 -25.95 3.16 16.53
C LEU C 143 -25.09 4.40 16.74
N LYS C 144 -25.43 5.51 16.08
CA LYS C 144 -24.66 6.74 16.20
C LYS C 144 -24.64 7.24 17.64
N LYS C 145 -25.77 7.13 18.34
CA LYS C 145 -25.78 7.54 19.73
C LYS C 145 -25.00 6.55 20.60
N VAL C 146 -25.07 5.25 20.28
CA VAL C 146 -24.23 4.27 20.96
C VAL C 146 -22.76 4.65 20.82
N LEU C 147 -22.32 4.88 19.57
CA LEU C 147 -20.90 5.09 19.31
C LEU C 147 -20.39 6.37 19.95
N GLU C 148 -21.27 7.35 20.16
CA GLU C 148 -20.87 8.54 20.90
C GLU C 148 -20.32 8.14 22.26
N VAL C 149 -21.06 7.31 22.99
CA VAL C 149 -20.60 6.85 24.31
C VAL C 149 -19.30 6.07 24.16
N TYR C 150 -19.27 5.09 23.26
CA TYR C 150 -18.04 4.32 23.03
C TYR C 150 -16.86 5.23 22.77
N GLU C 151 -17.09 6.31 22.01
CA GLU C 151 -15.99 7.21 21.67
C GLU C 151 -15.38 7.84 22.92
N ALA C 152 -16.22 8.19 23.90
CA ALA C 152 -15.70 8.73 25.15
C ALA C 152 -14.98 7.65 25.97
N ARG C 153 -15.61 6.50 26.16
CA ARG C 153 -14.99 5.45 26.95
C ARG C 153 -13.61 5.11 26.42
N LEU C 154 -13.50 4.92 25.11
CA LEU C 154 -12.25 4.53 24.49
C LEU C 154 -11.30 5.70 24.26
N SER C 155 -11.65 6.91 24.70
CA SER C 155 -10.63 7.96 24.81
C SER C 155 -9.91 7.86 26.15
N GLN C 156 -10.57 7.30 27.15
CA GLN C 156 -10.01 7.10 28.48
C GLN C 156 -9.23 5.79 28.60
N HIS C 157 -9.56 4.78 27.79
CA HIS C 157 -8.94 3.47 27.88
C HIS C 157 -8.78 2.86 26.50
N LYS C 158 -7.84 1.93 26.39
CA LYS C 158 -7.59 1.25 25.12
C LYS C 158 -8.60 0.14 24.83
N TYR C 159 -9.25 -0.38 25.86
CA TYR C 159 -10.27 -1.40 25.71
C TYR C 159 -11.49 -1.00 26.54
N LEU C 160 -12.57 -1.79 26.41
CA LEU C 160 -13.84 -1.38 27.03
C LEU C 160 -13.75 -1.44 28.55
N ALA C 161 -13.11 -2.47 29.09
CA ALA C 161 -13.08 -2.69 30.55
C ALA C 161 -11.91 -1.98 31.24
N GLY C 162 -11.03 -1.36 30.48
CA GLY C 162 -9.86 -0.74 31.04
C GLY C 162 -8.72 -0.83 30.02
N ASP C 163 -7.51 -1.05 30.54
CA ASP C 163 -6.32 -1.07 29.70
C ASP C 163 -5.89 -2.48 29.37
N PHE C 164 -6.82 -3.44 29.44
CA PHE C 164 -6.60 -4.84 29.11
C PHE C 164 -7.78 -5.34 28.27
N VAL C 165 -7.48 -6.09 27.21
CA VAL C 165 -8.55 -6.70 26.43
C VAL C 165 -9.28 -7.71 27.32
N SER C 166 -10.57 -7.92 27.03
CA SER C 166 -11.36 -8.84 27.84
C SER C 166 -12.52 -9.41 27.03
N PHE C 167 -13.33 -10.24 27.69
CA PHE C 167 -14.54 -10.79 27.12
C PHE C 167 -15.41 -9.69 26.52
N ALA C 168 -15.48 -8.53 27.18
CA ALA C 168 -16.32 -7.45 26.70
C ALA C 168 -15.92 -7.04 25.28
N ASP C 169 -14.62 -6.89 25.04
CA ASP C 169 -14.16 -6.55 23.70
C ASP C 169 -14.47 -7.70 22.74
N LEU C 170 -14.12 -8.93 23.14
CA LEU C 170 -14.33 -10.09 22.27
C LEU C 170 -15.79 -10.22 21.88
N ASN C 171 -16.71 -9.95 22.81
CA ASN C 171 -18.13 -10.05 22.50
C ASN C 171 -18.53 -9.15 21.35
N HIS C 172 -17.76 -8.09 21.11
CA HIS C 172 -18.09 -7.14 20.06
C HIS C 172 -17.63 -7.59 18.69
N PHE C 173 -16.71 -8.56 18.60
CA PHE C 173 -16.11 -8.85 17.30
C PHE C 173 -17.11 -9.41 16.28
N PRO C 174 -17.79 -10.55 16.53
CA PRO C 174 -18.50 -11.24 15.43
C PRO C 174 -19.46 -10.36 14.64
N TYR C 175 -20.35 -9.61 15.30
CA TYR C 175 -21.31 -8.79 14.57
C TYR C 175 -20.65 -7.56 13.95
N THR C 176 -19.72 -6.92 14.68
CA THR C 176 -19.05 -5.75 14.11
C THR C 176 -18.29 -6.13 12.85
N PHE C 177 -17.66 -7.31 12.85
CA PHE C 177 -16.91 -7.76 11.68
C PHE C 177 -17.83 -7.85 10.46
N TYR C 178 -19.05 -8.33 10.64
CA TYR C 178 -19.99 -8.34 9.52
C TYR C 178 -20.52 -6.94 9.23
N PHE C 179 -20.69 -6.11 10.25
CA PHE C 179 -20.99 -4.71 9.99
C PHE C 179 -19.94 -4.07 9.11
N MET C 180 -18.69 -4.49 9.28
CA MET C 180 -17.60 -3.92 8.51
C MET C 180 -17.60 -4.46 7.08
N ALA C 181 -18.58 -5.28 6.73
CA ALA C 181 -18.82 -5.70 5.36
C ALA C 181 -20.09 -5.08 4.76
N THR C 182 -20.80 -4.22 5.51
CA THR C 182 -21.93 -3.49 4.96
C THR C 182 -21.43 -2.24 4.24
N PRO C 183 -22.28 -1.58 3.47
CA PRO C 183 -21.92 -0.26 2.92
C PRO C 183 -21.72 0.82 3.97
N HIS C 184 -21.86 0.49 5.25
CA HIS C 184 -21.76 1.48 6.31
C HIS C 184 -20.50 1.35 7.14
N ALA C 185 -19.57 0.48 6.74
CA ALA C 185 -18.37 0.23 7.52
C ALA C 185 -17.62 1.51 7.89
N ALA C 186 -17.74 2.55 7.07
CA ALA C 186 -16.99 3.79 7.29
C ALA C 186 -17.55 4.65 8.41
N LEU C 187 -18.74 4.31 8.94
CA LEU C 187 -19.32 5.08 10.04
C LEU C 187 -18.35 5.19 11.20
N PHE C 188 -17.53 4.15 11.40
CA PHE C 188 -16.58 4.12 12.50
C PHE C 188 -15.47 5.15 12.34
N ASP C 189 -15.19 5.58 11.10
CA ASP C 189 -14.16 6.59 10.87
C ASP C 189 -14.59 7.95 11.39
N SER C 190 -15.90 8.16 11.58
CA SER C 190 -16.41 9.35 12.26
C SER C 190 -16.18 9.30 13.76
N TYR C 191 -15.59 8.23 14.27
CA TYR C 191 -15.30 8.08 15.70
C TYR C 191 -13.90 7.51 15.81
N PRO C 192 -12.88 8.37 15.80
CA PRO C 192 -11.50 7.89 15.65
C PRO C 192 -11.02 7.02 16.80
N HIS C 193 -11.52 7.24 18.02
CA HIS C 193 -11.08 6.39 19.12
C HIS C 193 -11.71 5.00 19.03
N VAL C 194 -12.98 4.90 18.62
CA VAL C 194 -13.58 3.58 18.40
C VAL C 194 -12.87 2.86 17.25
N LYS C 195 -12.69 3.56 16.13
CA LYS C 195 -11.92 3.01 15.01
C LYS C 195 -10.60 2.40 15.48
N ALA C 196 -9.83 3.17 16.26
CA ALA C 196 -8.54 2.67 16.72
C ALA C 196 -8.70 1.43 17.59
N TRP C 197 -9.68 1.44 18.48
CA TRP C 197 -9.98 0.26 19.29
C TRP C 197 -10.33 -0.92 18.41
N TRP C 198 -11.22 -0.69 17.42
CA TRP C 198 -11.54 -1.73 16.44
C TRP C 198 -10.25 -2.25 15.79
N ASP C 199 -9.40 -1.33 15.36
CA ASP C 199 -8.14 -1.73 14.73
C ASP C 199 -7.26 -2.49 15.70
N ARG C 200 -7.27 -2.13 16.99
CA ARG C 200 -6.50 -2.88 17.98
C ARG C 200 -6.97 -4.32 18.06
N LEU C 201 -8.28 -4.54 17.88
CA LEU C 201 -8.82 -5.90 17.93
C LEU C 201 -8.45 -6.69 16.68
N MET C 202 -8.64 -6.07 15.51
CA MET C 202 -8.40 -6.70 14.21
C MET C 202 -6.96 -7.16 14.02
N ALA C 203 -6.04 -6.70 14.86
CA ALA C 203 -4.63 -7.04 14.80
C ALA C 203 -4.24 -8.17 15.74
N ARG C 204 -5.07 -8.47 16.74
CA ARG C 204 -4.81 -9.60 17.60
C ARG C 204 -4.73 -10.86 16.74
N PRO C 205 -3.66 -11.66 16.87
CA PRO C 205 -3.57 -12.90 16.08
C PRO C 205 -4.83 -13.75 16.13
N ALA C 206 -5.44 -13.90 17.32
CA ALA C 206 -6.60 -14.76 17.45
C ALA C 206 -7.81 -14.20 16.70
N VAL C 207 -7.90 -12.89 16.56
CA VAL C 207 -9.06 -12.31 15.86
C VAL C 207 -8.95 -12.59 14.36
N LYS C 208 -7.77 -12.46 13.78
CA LYS C 208 -7.67 -12.60 12.33
C LYS C 208 -7.85 -14.05 11.90
N LYS C 209 -7.48 -15.01 12.75
CA LYS C 209 -7.78 -16.42 12.46
C LYS C 209 -9.28 -16.63 12.35
N ILE C 210 -10.05 -16.15 13.32
CA ILE C 210 -11.50 -16.30 13.30
C ILE C 210 -12.10 -15.47 12.17
N ALA C 211 -11.54 -14.27 11.92
CA ALA C 211 -12.04 -13.42 10.83
C ALA C 211 -11.95 -14.12 9.48
N ALA C 212 -10.99 -15.02 9.31
CA ALA C 212 -10.77 -15.67 8.02
C ALA C 212 -11.79 -16.77 7.74
N THR C 213 -12.54 -17.20 8.74
CA THR C 213 -13.56 -18.24 8.58
C THR C 213 -14.90 -17.65 8.14
N MET C 214 -14.97 -16.35 7.94
CA MET C 214 -16.25 -15.64 7.81
C MET C 214 -16.44 -15.20 6.36
N VAL C 215 -16.87 -13.97 6.11
CA VAL C 215 -17.09 -13.35 4.78
C VAL C 215 -17.88 -14.27 3.85
N PRO C 216 -19.18 -14.01 3.63
CA PRO C 216 -20.16 -14.77 2.85
C PRO C 216 -19.59 -15.54 1.66
NA NA D . 8.15 5.43 -9.25
NA NA E . 3.32 3.83 -3.76
#